data_6CBF
#
_entry.id   6CBF
#
_cell.length_a   68.305
_cell.length_b   68.310
_cell.length_c   83.309
_cell.angle_alpha   90.00
_cell.angle_beta   90.00
_cell.angle_gamma   90.00
#
_symmetry.space_group_name_H-M   'P 21 21 21'
#
loop_
_entity.id
_entity.type
_entity.pdbx_description
1 polymer 'Macrophage migration inhibitory factor'
2 non-polymer '2-phenoxy-5-(1H-pyrazol-4-yl)benzoic acid'
3 non-polymer 'SULFATE ION'
4 water water
#
_entity_poly.entity_id   1
_entity_poly.type   'polypeptide(L)'
_entity_poly.pdbx_seq_one_letter_code
;PMFIVNTNVPRASVPDGFLSELTQQLAQATGKPPQYIAVHVVPDQLMAFGGSSEPCALCSLHSIGKIGGAQNRSYSKLLC
GLLAERLRISPDRVYINYYDMNAANVGWNNSTFA
;
_entity_poly.pdbx_strand_id   A,B,C
#
# COMPACT_ATOMS: atom_id res chain seq x y z
N PRO A 1 8.44 7.34 -11.71
CA PRO A 1 8.15 6.45 -10.59
C PRO A 1 6.98 6.89 -9.71
N MET A 2 6.45 5.94 -8.94
CA MET A 2 5.49 6.24 -7.88
C MET A 2 6.16 6.04 -6.50
N PHE A 3 6.14 7.09 -5.67
CA PHE A 3 6.75 7.04 -4.31
C PHE A 3 5.75 7.34 -3.20
N ILE A 4 5.65 6.43 -2.23
CA ILE A 4 4.69 6.55 -1.11
C ILE A 4 5.44 6.44 0.21
N VAL A 5 5.16 7.38 1.13
CA VAL A 5 5.72 7.42 2.48
CA VAL A 5 5.71 7.36 2.48
C VAL A 5 4.59 7.35 3.52
N ASN A 6 4.66 6.37 4.42
CA ASN A 6 3.77 6.30 5.58
C ASN A 6 4.62 6.52 6.81
N THR A 7 4.14 7.33 7.74
CA THR A 7 4.94 7.68 8.93
C THR A 7 4.08 8.10 10.12
N ASN A 8 4.60 7.82 11.32
CA ASN A 8 4.01 8.30 12.60
C ASN A 8 4.31 9.77 12.92
N VAL A 9 5.26 10.38 12.22
N VAL A 9 5.25 10.38 12.21
CA VAL A 9 5.55 11.82 12.34
CA VAL A 9 5.54 11.82 12.32
C VAL A 9 4.29 12.63 11.99
C VAL A 9 4.26 12.60 12.01
N PRO A 10 3.93 13.64 12.81
CA PRO A 10 2.66 14.35 12.56
C PRO A 10 2.60 15.24 11.31
N ARG A 11 1.38 15.67 10.96
CA ARG A 11 1.11 16.53 9.80
C ARG A 11 1.97 17.79 9.85
N ALA A 12 1.88 18.48 11.00
CA ALA A 12 2.58 19.75 11.27
C ALA A 12 4.06 19.73 10.90
N SER A 13 4.73 18.61 11.19
CA SER A 13 6.17 18.45 10.92
C SER A 13 6.51 18.13 9.46
N VAL A 14 5.51 17.97 8.59
CA VAL A 14 5.76 17.80 7.14
C VAL A 14 5.96 19.21 6.56
N PRO A 15 7.20 19.55 6.14
CA PRO A 15 7.39 20.91 5.65
C PRO A 15 6.60 21.14 4.37
N ASP A 16 6.07 22.36 4.22
CA ASP A 16 5.51 22.77 2.94
C ASP A 16 6.66 22.79 1.96
N GLY A 17 6.40 22.31 0.75
CA GLY A 17 7.43 22.13 -0.28
C GLY A 17 7.96 20.72 -0.39
N PHE A 18 7.62 19.85 0.56
CA PHE A 18 8.22 18.51 0.66
C PHE A 18 7.84 17.55 -0.47
N LEU A 19 6.57 17.61 -0.90
N LEU A 19 6.57 17.61 -0.90
CA LEU A 19 6.11 16.86 -2.07
CA LEU A 19 6.11 16.84 -2.07
C LEU A 19 6.81 17.29 -3.36
C LEU A 19 6.80 17.29 -3.36
N SER A 20 6.98 18.60 -3.54
CA SER A 20 7.70 19.13 -4.70
CA SER A 20 7.70 19.13 -4.70
C SER A 20 9.15 18.67 -4.69
N GLU A 21 9.79 18.74 -3.52
CA GLU A 21 11.18 18.30 -3.40
C GLU A 21 11.36 16.82 -3.69
N LEU A 22 10.40 15.99 -3.27
CA LEU A 22 10.45 14.57 -3.62
C LEU A 22 10.31 14.35 -5.14
N THR A 23 9.39 15.06 -5.77
CA THR A 23 9.23 14.99 -7.23
C THR A 23 10.51 15.41 -7.96
N GLN A 24 11.03 16.59 -7.63
CA GLN A 24 12.29 17.10 -8.22
C GLN A 24 13.40 16.06 -8.09
N GLN A 25 13.67 15.67 -6.86
CA GLN A 25 14.79 14.77 -6.54
C GLN A 25 14.66 13.40 -7.17
N LEU A 26 13.43 12.87 -7.21
CA LEU A 26 13.18 11.57 -7.84
C LEU A 26 13.34 11.62 -9.37
N ALA A 27 13.11 12.77 -9.98
CA ALA A 27 13.33 12.94 -11.42
C ALA A 27 14.83 12.95 -11.70
N GLN A 28 15.54 13.83 -10.98
CA GLN A 28 17.02 13.91 -10.99
C GLN A 28 17.74 12.57 -10.79
N ALA A 29 17.20 11.72 -9.93
CA ALA A 29 17.83 10.44 -9.56
C ALA A 29 17.51 9.28 -10.52
N THR A 30 16.24 9.11 -10.86
CA THR A 30 15.79 7.94 -11.63
C THR A 30 16.01 8.02 -13.14
N GLY A 31 16.23 9.23 -13.66
CA GLY A 31 16.29 9.47 -15.10
C GLY A 31 14.93 9.32 -15.76
N LYS A 32 13.88 9.80 -15.06
CA LYS A 32 12.50 9.74 -15.54
C LYS A 32 11.91 11.15 -15.56
N PRO A 33 11.02 11.41 -16.53
CA PRO A 33 10.47 12.75 -16.64
C PRO A 33 9.54 13.04 -15.47
N PRO A 34 9.63 14.26 -14.88
CA PRO A 34 8.88 14.56 -13.67
C PRO A 34 7.36 14.61 -13.83
N GLN A 35 6.87 14.66 -15.08
CA GLN A 35 5.44 14.81 -15.35
C GLN A 35 4.64 13.58 -14.94
N TYR A 36 5.30 12.42 -14.94
CA TYR A 36 4.69 11.15 -14.62
C TYR A 36 5.05 10.66 -13.17
N ILE A 37 5.95 11.37 -12.47
CA ILE A 37 6.28 11.02 -11.08
C ILE A 37 5.11 11.34 -10.15
N ALA A 38 4.68 10.34 -9.39
CA ALA A 38 3.62 10.53 -8.40
C ALA A 38 4.23 10.35 -7.00
N VAL A 39 3.85 11.23 -6.07
CA VAL A 39 4.32 11.14 -4.68
CA VAL A 39 4.34 11.22 -4.68
C VAL A 39 3.17 11.26 -3.69
N HIS A 40 3.27 10.49 -2.60
CA HIS A 40 2.19 10.34 -1.63
C HIS A 40 2.77 10.21 -0.22
N VAL A 41 2.36 11.11 0.67
N VAL A 41 2.39 11.12 0.66
CA VAL A 41 2.85 11.16 2.04
CA VAL A 41 2.85 11.11 2.05
C VAL A 41 1.67 11.02 2.99
C VAL A 41 1.67 11.00 2.99
N VAL A 42 1.77 10.06 3.92
CA VAL A 42 0.72 9.80 4.93
C VAL A 42 1.32 9.96 6.35
N PRO A 43 1.16 11.16 6.95
CA PRO A 43 1.62 11.39 8.31
C PRO A 43 0.58 10.95 9.35
N ASP A 44 0.92 11.09 10.63
CA ASP A 44 0.03 10.81 11.77
C ASP A 44 -0.38 9.35 11.91
N GLN A 45 0.47 8.42 11.45
CA GLN A 45 0.10 6.99 11.40
C GLN A 45 0.40 6.24 12.68
N LEU A 46 -0.48 5.31 13.01
CA LEU A 46 -0.28 4.42 14.12
C LEU A 46 0.65 3.32 13.59
N MET A 47 1.96 3.52 13.77
CA MET A 47 2.96 2.51 13.40
C MET A 47 4.12 2.44 14.38
N ALA A 48 4.85 1.34 14.30
CA ALA A 48 6.00 1.08 15.15
C ALA A 48 7.09 0.35 14.39
N PHE A 49 8.31 0.43 14.92
CA PHE A 49 9.49 -0.16 14.30
C PHE A 49 10.34 -0.74 15.43
N GLY A 50 10.50 -2.05 15.46
CA GLY A 50 11.15 -2.69 16.60
C GLY A 50 10.31 -2.73 17.87
N GLY A 51 9.01 -2.47 17.75
CA GLY A 51 8.11 -2.32 18.90
C GLY A 51 7.93 -0.89 19.40
N SER A 52 8.87 0.00 19.05
CA SER A 52 8.97 1.33 19.64
C SER A 52 8.20 2.37 18.80
N SER A 53 7.53 3.34 19.44
CA SER A 53 6.80 4.40 18.69
C SER A 53 7.64 5.64 18.31
N GLU A 54 8.96 5.54 18.44
CA GLU A 54 9.88 6.55 17.94
C GLU A 54 9.66 6.74 16.42
N PRO A 55 9.79 8.00 15.90
CA PRO A 55 9.68 8.30 14.47
C PRO A 55 10.21 7.22 13.52
N CYS A 56 9.36 6.80 12.58
CA CYS A 56 9.73 5.80 11.57
C CYS A 56 8.93 6.01 10.28
N ALA A 57 9.29 5.25 9.25
CA ALA A 57 8.68 5.41 7.94
C ALA A 57 8.66 4.10 7.15
N LEU A 58 7.50 3.78 6.55
CA LEU A 58 7.36 2.65 5.66
C LEU A 58 7.05 3.16 4.26
N CYS A 59 7.97 2.90 3.34
CA CYS A 59 7.97 3.53 2.03
C CYS A 59 7.95 2.54 0.89
N SER A 60 7.63 3.08 -0.29
CA SER A 60 7.41 2.29 -1.49
C SER A 60 7.84 3.07 -2.73
N LEU A 61 8.73 2.51 -3.54
CA LEU A 61 9.05 3.07 -4.85
C LEU A 61 8.67 2.07 -5.92
N HIS A 62 7.70 2.41 -6.76
CA HIS A 62 7.30 1.59 -7.91
C HIS A 62 7.87 2.24 -9.15
N SER A 63 8.52 1.43 -9.98
CA SER A 63 9.06 1.93 -11.24
C SER A 63 8.87 0.92 -12.37
N ILE A 64 8.65 1.42 -13.59
CA ILE A 64 8.62 0.56 -14.79
C ILE A 64 10.04 0.47 -15.36
N GLY A 65 10.75 -0.61 -15.02
CA GLY A 65 12.20 -0.74 -15.31
C GLY A 65 13.10 0.05 -14.35
N LYS A 66 14.42 -0.07 -14.54
CA LYS A 66 15.45 0.68 -13.77
C LYS A 66 15.41 0.45 -12.23
N ILE A 67 15.42 -0.83 -11.85
CA ILE A 67 15.42 -1.27 -10.45
C ILE A 67 16.40 -2.44 -10.34
N GLY A 68 17.32 -2.36 -9.37
CA GLY A 68 18.26 -3.45 -9.09
C GLY A 68 19.23 -3.10 -7.96
N GLY A 69 20.29 -3.89 -7.80
CA GLY A 69 21.28 -3.69 -6.72
C GLY A 69 21.74 -2.26 -6.48
N ALA A 70 22.56 -1.73 -7.40
CA ALA A 70 23.25 -0.45 -7.21
C ALA A 70 22.31 0.77 -7.17
N GLN A 71 21.36 0.80 -8.09
CA GLN A 71 20.34 1.86 -8.15
C GLN A 71 19.50 1.98 -6.87
N ASN A 72 19.01 0.85 -6.35
CA ASN A 72 18.22 0.82 -5.12
C ASN A 72 19.00 1.26 -3.87
N ARG A 73 20.31 1.02 -3.84
CA ARG A 73 21.19 1.59 -2.80
C ARG A 73 21.28 3.13 -2.85
N SER A 74 21.34 3.66 -4.06
N SER A 74 21.49 3.71 -4.05
CA SER A 74 21.41 5.14 -4.22
CA SER A 74 21.57 5.20 -4.28
C SER A 74 20.09 5.84 -3.80
C SER A 74 20.17 5.86 -3.93
N TYR A 75 19.02 5.22 -4.26
CA TYR A 75 17.68 5.72 -3.93
C TYR A 75 17.44 5.63 -2.43
N SER A 76 17.88 4.53 -1.82
CA SER A 76 17.78 4.39 -0.37
C SER A 76 18.53 5.53 0.35
N LYS A 77 19.77 5.77 -0.06
CA LYS A 77 20.60 6.84 0.50
C LYS A 77 19.95 8.22 0.35
N LEU A 78 19.45 8.50 -0.84
CA LEU A 78 18.81 9.79 -1.17
C LEU A 78 17.56 10.07 -0.33
N LEU A 79 16.71 9.05 -0.20
CA LEU A 79 15.39 9.17 0.40
C LEU A 79 15.45 9.09 1.94
N CYS A 80 16.28 8.18 2.46
CA CYS A 80 16.63 8.18 3.90
C CYS A 80 17.17 9.56 4.30
N GLY A 81 18.17 10.03 3.55
CA GLY A 81 18.72 11.39 3.73
C GLY A 81 17.67 12.48 3.76
N LEU A 82 16.75 12.43 2.81
CA LEU A 82 15.61 13.37 2.72
C LEU A 82 14.62 13.26 3.88
N LEU A 83 14.30 12.03 4.29
CA LEU A 83 13.39 11.80 5.43
C LEU A 83 14.01 12.22 6.78
N ALA A 84 15.30 11.88 6.96
CA ALA A 84 16.09 12.35 8.10
C ALA A 84 16.20 13.87 8.16
N GLU A 85 16.63 14.47 7.05
CA GLU A 85 16.72 15.93 6.93
C GLU A 85 15.36 16.63 7.20
N ARG A 86 14.31 16.18 6.54
CA ARG A 86 13.06 16.95 6.50
C ARG A 86 12.05 16.55 7.58
N LEU A 87 11.96 15.27 7.92
CA LEU A 87 11.01 14.80 8.95
C LEU A 87 11.70 14.31 10.23
N ARG A 88 13.03 14.39 10.29
CA ARG A 88 13.81 14.00 11.47
C ARG A 88 13.62 12.52 11.83
N ILE A 89 13.48 11.68 10.80
CA ILE A 89 13.36 10.24 10.96
C ILE A 89 14.72 9.61 10.72
N SER A 90 15.17 8.79 11.67
CA SER A 90 16.47 8.16 11.58
C SER A 90 16.46 7.10 10.46
N PRO A 91 17.49 7.08 9.59
CA PRO A 91 17.64 6.08 8.52
C PRO A 91 17.38 4.62 8.90
N ASP A 92 17.78 4.21 10.11
CA ASP A 92 17.59 2.81 10.56
C ASP A 92 16.15 2.46 11.02
N ARG A 93 15.26 3.45 10.98
CA ARG A 93 13.83 3.22 11.17
C ARG A 93 13.03 3.60 9.90
N VAL A 94 13.69 3.50 8.73
CA VAL A 94 13.05 3.66 7.44
C VAL A 94 13.15 2.34 6.66
N TYR A 95 12.03 1.89 6.08
CA TYR A 95 12.04 0.80 5.09
C TYR A 95 11.52 1.36 3.78
N ILE A 96 12.19 1.02 2.68
CA ILE A 96 11.74 1.38 1.33
C ILE A 96 11.65 0.11 0.48
N ASN A 97 10.43 -0.26 0.06
CA ASN A 97 10.25 -1.41 -0.82
C ASN A 97 10.23 -0.96 -2.29
N TYR A 98 11.05 -1.64 -3.10
CA TYR A 98 11.23 -1.35 -4.52
C TYR A 98 10.52 -2.41 -5.37
N TYR A 99 9.80 -1.94 -6.38
CA TYR A 99 9.05 -2.82 -7.26
C TYR A 99 9.33 -2.44 -8.72
N ASP A 100 9.58 -3.46 -9.54
CA ASP A 100 9.79 -3.30 -10.96
C ASP A 100 8.45 -3.68 -11.57
N MET A 101 7.69 -2.69 -12.06
CA MET A 101 6.40 -2.94 -12.70
C MET A 101 6.54 -3.19 -14.19
N ASN A 102 5.92 -4.26 -14.66
CA ASN A 102 5.85 -4.58 -16.07
C ASN A 102 4.80 -3.63 -16.69
N ALA A 103 5.09 -3.07 -17.89
CA ALA A 103 4.32 -1.91 -18.44
C ALA A 103 2.82 -2.10 -18.63
N ALA A 104 2.46 -3.30 -19.08
CA ALA A 104 1.07 -3.68 -19.30
C ALA A 104 0.27 -3.73 -17.98
N ASN A 105 0.97 -3.95 -16.86
CA ASN A 105 0.36 -3.96 -15.53
C ASN A 105 0.35 -2.60 -14.82
N VAL A 106 0.38 -1.49 -15.57
CA VAL A 106 0.22 -0.16 -14.98
C VAL A 106 -0.80 0.68 -15.79
N GLY A 107 -2.02 0.79 -15.27
CA GLY A 107 -3.06 1.59 -15.89
C GLY A 107 -2.84 3.09 -15.80
N TRP A 108 -3.24 3.81 -16.86
CA TRP A 108 -3.15 5.28 -16.92
C TRP A 108 -3.97 5.81 -18.10
N ASN A 109 -4.67 6.93 -17.88
CA ASN A 109 -5.44 7.63 -18.92
C ASN A 109 -6.27 6.70 -19.81
N ASN A 110 -7.22 5.97 -19.17
CA ASN A 110 -8.13 5.00 -19.82
C ASN A 110 -7.48 3.78 -20.50
N SER A 111 -6.20 3.54 -20.28
CA SER A 111 -5.48 2.43 -20.94
C SER A 111 -4.31 1.98 -20.07
N THR A 112 -3.32 1.29 -20.66
CA THR A 112 -2.08 0.96 -19.98
C THR A 112 -0.86 1.42 -20.79
N PHE A 113 0.30 1.32 -20.15
CA PHE A 113 1.58 1.71 -20.76
C PHE A 113 2.02 0.68 -21.80
N ALA A 114 2.32 1.19 -23.00
CA ALA A 114 3.16 0.52 -24.02
C ALA A 114 2.87 -0.95 -24.33
N PRO B 1 10.60 -8.10 8.92
CA PRO B 1 9.21 -8.25 8.48
C PRO B 1 8.37 -6.99 8.65
N MET B 2 7.44 -6.77 7.72
CA MET B 2 6.57 -5.58 7.75
C MET B 2 5.12 -6.07 7.66
N PHE B 3 4.28 -5.66 8.59
CA PHE B 3 2.87 -6.04 8.62
C PHE B 3 2.00 -4.79 8.69
N ILE B 4 1.04 -4.68 7.77
CA ILE B 4 0.17 -3.51 7.66
C ILE B 4 -1.25 -4.00 7.72
N VAL B 5 -2.09 -3.33 8.52
CA VAL B 5 -3.53 -3.63 8.65
CA VAL B 5 -3.52 -3.64 8.52
C VAL B 5 -4.35 -2.38 8.31
N ASN B 6 -5.23 -2.46 7.31
CA ASN B 6 -6.22 -1.41 7.05
C ASN B 6 -7.58 -1.99 7.42
N THR B 7 -8.42 -1.19 8.07
CA THR B 7 -9.69 -1.66 8.57
C THR B 7 -10.68 -0.50 8.68
N ASN B 8 -11.96 -0.82 8.56
CA ASN B 8 -13.08 0.12 8.84
C ASN B 8 -13.44 0.19 10.34
N VAL B 9 -12.87 -0.71 11.14
CA VAL B 9 -12.97 -0.65 12.62
C VAL B 9 -12.44 0.72 13.15
N PRO B 10 -13.24 1.42 13.99
CA PRO B 10 -12.81 2.76 14.45
C PRO B 10 -11.59 2.76 15.37
N ARG B 11 -10.94 3.93 15.46
CA ARG B 11 -9.73 4.14 16.26
C ARG B 11 -9.87 3.62 17.70
N ALA B 12 -11.02 3.90 18.31
CA ALA B 12 -11.31 3.53 19.71
C ALA B 12 -11.24 2.03 20.01
N SER B 13 -11.55 1.20 19.01
CA SER B 13 -11.59 -0.25 19.18
C SER B 13 -10.20 -0.90 19.20
N VAL B 14 -9.17 -0.18 18.78
CA VAL B 14 -7.81 -0.72 18.78
C VAL B 14 -7.29 -0.62 20.22
N PRO B 15 -7.02 -1.77 20.87
CA PRO B 15 -6.60 -1.71 22.27
C PRO B 15 -5.16 -1.24 22.42
N ASP B 16 -4.86 -0.68 23.60
CA ASP B 16 -3.54 -0.15 23.91
C ASP B 16 -2.55 -1.32 23.89
N GLY B 17 -1.37 -1.09 23.32
CA GLY B 17 -0.35 -2.13 23.25
C GLY B 17 -0.50 -3.15 22.13
N PHE B 18 -1.53 -3.01 21.29
CA PHE B 18 -1.75 -3.91 20.15
C PHE B 18 -0.54 -4.02 19.20
N LEU B 19 0.15 -2.90 18.93
CA LEU B 19 1.34 -2.92 18.07
C LEU B 19 2.49 -3.74 18.63
N SER B 20 2.68 -3.68 19.94
CA SER B 20 3.70 -4.48 20.62
C SER B 20 3.29 -5.95 20.56
N GLU B 21 2.02 -6.23 20.83
CA GLU B 21 1.49 -7.59 20.72
C GLU B 21 1.76 -8.17 19.32
N LEU B 22 1.41 -7.43 18.27
CA LEU B 22 1.70 -7.85 16.89
C LEU B 22 3.19 -8.06 16.67
N THR B 23 4.01 -7.19 17.25
CA THR B 23 5.46 -7.29 17.13
C THR B 23 6.02 -8.55 17.85
N GLN B 24 5.48 -8.87 19.03
CA GLN B 24 5.88 -10.10 19.75
C GLN B 24 5.51 -11.37 18.99
N GLN B 25 4.27 -11.39 18.50
CA GLN B 25 3.74 -12.57 17.82
C GLN B 25 4.42 -12.79 16.46
N LEU B 26 4.67 -11.70 15.73
CA LEU B 26 5.40 -11.77 14.45
C LEU B 26 6.88 -12.16 14.61
N ALA B 27 7.52 -11.68 15.67
CA ALA B 27 8.90 -12.08 16.00
C ALA B 27 9.03 -13.58 16.29
N GLN B 28 8.13 -14.12 17.10
CA GLN B 28 7.99 -15.58 17.29
C GLN B 28 7.76 -16.33 15.99
N ALA B 29 6.68 -15.92 15.30
CA ALA B 29 6.21 -16.61 14.11
C ALA B 29 7.24 -16.67 12.97
N THR B 30 8.09 -15.65 12.85
CA THR B 30 9.06 -15.57 11.75
C THR B 30 10.49 -15.93 12.14
N GLY B 31 10.79 -15.95 13.44
CA GLY B 31 12.15 -16.18 13.93
C GLY B 31 13.13 -15.03 13.64
N LYS B 32 12.60 -13.84 13.38
CA LYS B 32 13.39 -12.70 12.89
C LYS B 32 13.76 -11.82 14.06
N PRO B 33 14.84 -11.01 13.93
CA PRO B 33 15.16 -10.09 15.02
C PRO B 33 14.04 -9.06 15.22
N PRO B 34 13.70 -8.76 16.49
CA PRO B 34 12.58 -7.84 16.73
C PRO B 34 12.79 -6.42 16.17
N GLN B 35 14.04 -5.98 16.08
CA GLN B 35 14.40 -4.61 15.63
C GLN B 35 14.00 -4.31 14.17
N TYR B 36 13.90 -5.38 13.38
CA TYR B 36 13.47 -5.31 11.98
C TYR B 36 11.95 -5.45 11.76
N ILE B 37 11.19 -5.73 12.82
CA ILE B 37 9.75 -5.93 12.71
C ILE B 37 9.07 -4.56 12.73
N ALA B 38 8.39 -4.22 11.64
CA ALA B 38 7.62 -2.99 11.57
C ALA B 38 6.15 -3.36 11.50
N VAL B 39 5.32 -2.57 12.18
CA VAL B 39 3.87 -2.77 12.18
CA VAL B 39 3.86 -2.78 12.25
C VAL B 39 3.17 -1.44 12.03
N HIS B 40 2.00 -1.49 11.39
CA HIS B 40 1.29 -0.30 11.01
C HIS B 40 -0.16 -0.70 11.05
N VAL B 41 -0.99 0.09 11.73
CA VAL B 41 -2.42 -0.16 11.80
C VAL B 41 -3.14 1.08 11.33
N VAL B 42 -4.03 0.95 10.34
CA VAL B 42 -4.83 2.08 9.86
C VAL B 42 -6.32 1.80 10.12
N PRO B 43 -6.88 2.39 11.19
CA PRO B 43 -8.31 2.31 11.45
C PRO B 43 -9.14 3.32 10.65
N ASP B 44 -10.47 3.29 10.86
CA ASP B 44 -11.46 4.26 10.33
C ASP B 44 -11.62 4.32 8.80
N GLN B 45 -11.20 3.25 8.12
CA GLN B 45 -11.14 3.29 6.66
C GLN B 45 -12.48 3.10 6.02
N LEU B 46 -12.64 3.70 4.85
CA LEU B 46 -13.82 3.53 4.05
C LEU B 46 -13.55 2.30 3.20
N MET B 47 -14.08 1.18 3.66
CA MET B 47 -13.82 -0.14 3.08
C MET B 47 -15.12 -0.91 2.93
N ALA B 48 -15.11 -1.85 1.99
CA ALA B 48 -16.16 -2.86 1.95
C ALA B 48 -15.60 -4.21 1.55
N PHE B 49 -16.25 -5.27 2.05
CA PHE B 49 -15.91 -6.66 1.72
C PHE B 49 -17.21 -7.33 1.32
N GLY B 50 -17.22 -7.92 0.13
CA GLY B 50 -18.46 -8.43 -0.44
C GLY B 50 -19.53 -7.37 -0.69
N GLY B 51 -19.14 -6.10 -0.80
CA GLY B 51 -20.08 -4.98 -0.95
C GLY B 51 -20.64 -4.45 0.35
N SER B 52 -20.35 -5.12 1.46
CA SER B 52 -20.92 -4.79 2.77
C SER B 52 -19.99 -3.89 3.59
N SER B 53 -20.60 -3.01 4.39
CA SER B 53 -19.88 -2.15 5.35
C SER B 53 -19.38 -2.84 6.62
N GLU B 54 -19.79 -4.09 6.87
CA GLU B 54 -19.41 -4.80 8.11
C GLU B 54 -17.90 -4.74 8.33
N PRO B 55 -17.47 -4.76 9.61
CA PRO B 55 -16.05 -4.84 9.96
C PRO B 55 -15.26 -5.81 9.08
N CYS B 56 -14.17 -5.31 8.49
CA CYS B 56 -13.29 -6.09 7.65
C CYS B 56 -11.87 -5.54 7.73
N ALA B 57 -10.94 -6.23 7.10
CA ALA B 57 -9.57 -5.78 7.07
C ALA B 57 -8.87 -6.25 5.81
N LEU B 58 -7.98 -5.39 5.31
CA LEU B 58 -7.09 -5.70 4.20
C LEU B 58 -5.68 -5.46 4.72
N CYS B 59 -4.87 -6.52 4.67
CA CYS B 59 -3.58 -6.55 5.31
C CYS B 59 -2.55 -7.00 4.31
N SER B 60 -1.31 -6.80 4.68
CA SER B 60 -0.18 -7.31 3.91
C SER B 60 0.97 -7.59 4.87
N LEU B 61 1.75 -8.63 4.57
CA LEU B 61 2.94 -9.01 5.31
C LEU B 61 4.05 -9.15 4.29
N HIS B 62 5.04 -8.26 4.34
CA HIS B 62 6.23 -8.33 3.48
C HIS B 62 7.39 -8.87 4.30
N SER B 63 8.18 -9.75 3.69
CA SER B 63 9.32 -10.35 4.37
C SER B 63 10.35 -10.75 3.34
N ILE B 64 11.63 -10.70 3.75
CA ILE B 64 12.71 -11.25 2.94
C ILE B 64 12.80 -12.71 3.34
N GLY B 65 12.37 -13.60 2.45
CA GLY B 65 12.22 -15.02 2.77
C GLY B 65 11.19 -15.29 3.86
N LYS B 66 11.13 -16.55 4.29
CA LYS B 66 10.14 -17.04 5.29
C LYS B 66 8.68 -16.81 4.86
N ILE B 67 8.45 -16.91 3.54
CA ILE B 67 7.12 -16.82 2.93
C ILE B 67 6.94 -18.07 2.06
N GLY B 68 5.83 -18.77 2.26
CA GLY B 68 5.51 -19.96 1.47
C GLY B 68 4.19 -20.56 1.90
N GLY B 69 3.93 -21.80 1.48
CA GLY B 69 2.68 -22.51 1.76
C GLY B 69 2.29 -22.58 3.23
N ALA B 70 2.87 -23.52 3.96
CA ALA B 70 2.52 -23.77 5.38
C ALA B 70 2.70 -22.52 6.27
N GLN B 71 3.79 -21.79 6.08
CA GLN B 71 4.08 -20.62 6.91
C GLN B 71 2.93 -19.61 6.78
N ASN B 72 2.51 -19.34 5.55
CA ASN B 72 1.42 -18.42 5.31
C ASN B 72 0.08 -18.88 5.92
N ARG B 73 -0.19 -20.19 5.85
N ARG B 73 -0.22 -20.17 5.88
CA ARG B 73 -1.37 -20.80 6.52
CA ARG B 73 -1.45 -20.66 6.51
C ARG B 73 -1.34 -20.46 8.01
C ARG B 73 -1.38 -20.52 8.04
N SER B 74 -0.18 -20.72 8.61
CA SER B 74 0.06 -20.46 10.03
C SER B 74 -0.02 -18.96 10.39
N TYR B 75 0.65 -18.11 9.59
CA TYR B 75 0.53 -16.64 9.79
C TYR B 75 -0.91 -16.17 9.72
N SER B 76 -1.68 -16.70 8.76
CA SER B 76 -3.09 -16.37 8.60
C SER B 76 -3.91 -16.72 9.82
N LYS B 77 -3.66 -17.90 10.38
CA LYS B 77 -4.37 -18.35 11.59
C LYS B 77 -3.99 -17.50 12.79
N LEU B 78 -2.69 -17.27 12.96
CA LEU B 78 -2.20 -16.36 13.99
C LEU B 78 -2.85 -14.98 13.86
N LEU B 79 -2.71 -14.38 12.67
CA LEU B 79 -3.10 -12.98 12.46
C LEU B 79 -4.62 -12.77 12.42
N CYS B 80 -5.36 -13.63 11.72
CA CYS B 80 -6.83 -13.56 11.80
C CYS B 80 -7.35 -13.69 13.23
N GLY B 81 -6.71 -14.57 14.01
CA GLY B 81 -7.05 -14.74 15.43
C GLY B 81 -6.87 -13.47 16.23
N LEU B 82 -5.72 -12.82 16.06
CA LEU B 82 -5.42 -11.54 16.70
C LEU B 82 -6.43 -10.46 16.29
N LEU B 83 -6.81 -10.45 15.02
CA LEU B 83 -7.78 -9.49 14.52
C LEU B 83 -9.20 -9.83 15.01
N ALA B 84 -9.50 -11.12 15.20
CA ALA B 84 -10.78 -11.52 15.79
C ALA B 84 -10.87 -11.18 17.27
N GLU B 85 -9.87 -11.58 18.05
CA GLU B 85 -9.88 -11.30 19.50
C GLU B 85 -9.80 -9.79 19.79
N ARG B 86 -8.83 -9.11 19.20
CA ARG B 86 -8.57 -7.70 19.54
C ARG B 86 -9.43 -6.69 18.81
N LEU B 87 -9.69 -6.89 17.52
CA LEU B 87 -10.48 -5.94 16.71
C LEU B 87 -11.90 -6.41 16.40
N ARG B 88 -12.23 -7.65 16.76
CA ARG B 88 -13.56 -8.23 16.59
C ARG B 88 -14.00 -8.27 15.11
N ILE B 89 -13.03 -8.66 14.26
CA ILE B 89 -13.23 -8.83 12.81
C ILE B 89 -13.24 -10.34 12.53
N SER B 90 -14.30 -10.80 11.87
CA SER B 90 -14.43 -12.21 11.53
C SER B 90 -13.34 -12.57 10.53
N PRO B 91 -12.66 -13.71 10.74
CA PRO B 91 -11.62 -14.12 9.80
C PRO B 91 -12.02 -14.17 8.33
N ASP B 92 -13.28 -14.50 8.04
CA ASP B 92 -13.76 -14.51 6.66
C ASP B 92 -13.95 -13.13 6.01
N ARG B 93 -13.74 -12.04 6.76
CA ARG B 93 -13.66 -10.67 6.20
C ARG B 93 -12.25 -10.06 6.37
N VAL B 94 -11.22 -10.90 6.24
CA VAL B 94 -9.81 -10.49 6.32
C VAL B 94 -9.06 -11.03 5.11
N TYR B 95 -8.36 -10.16 4.39
CA TYR B 95 -7.29 -10.60 3.45
C TYR B 95 -5.93 -10.19 3.98
N ILE B 96 -4.94 -11.07 3.84
CA ILE B 96 -3.54 -10.78 4.13
C ILE B 96 -2.73 -11.16 2.89
N ASN B 97 -2.19 -10.16 2.20
CA ASN B 97 -1.34 -10.41 1.02
C ASN B 97 0.08 -10.62 1.49
N TYR B 98 0.65 -11.77 1.16
CA TYR B 98 2.01 -12.09 1.52
C TYR B 98 2.90 -11.74 0.33
N TYR B 99 4.09 -11.21 0.62
CA TYR B 99 5.08 -10.86 -0.40
C TYR B 99 6.46 -11.31 0.05
N ASP B 100 7.16 -12.01 -0.86
CA ASP B 100 8.53 -12.44 -0.64
C ASP B 100 9.46 -11.47 -1.36
N MET B 101 9.94 -10.47 -0.63
CA MET B 101 10.83 -9.46 -1.21
C MET B 101 12.25 -9.98 -1.40
N ASN B 102 12.85 -9.69 -2.56
CA ASN B 102 14.26 -9.99 -2.80
CA ASN B 102 14.27 -9.97 -2.82
C ASN B 102 15.06 -8.97 -2.01
N ALA B 103 16.21 -9.39 -1.47
CA ALA B 103 17.04 -8.56 -0.59
C ALA B 103 17.47 -7.23 -1.20
N ALA B 104 17.72 -7.24 -2.50
CA ALA B 104 18.14 -6.03 -3.23
C ALA B 104 17.03 -4.99 -3.39
N ASN B 105 15.78 -5.39 -3.21
CA ASN B 105 14.62 -4.50 -3.36
C ASN B 105 14.05 -3.98 -2.03
N VAL B 106 14.81 -4.09 -0.94
CA VAL B 106 14.37 -3.63 0.37
C VAL B 106 15.44 -2.68 0.87
N GLY B 107 15.16 -1.39 0.81
CA GLY B 107 16.04 -0.35 1.33
C GLY B 107 15.87 -0.09 2.83
N TRP B 108 16.99 0.23 3.49
CA TRP B 108 17.01 0.47 4.94
C TRP B 108 18.37 1.03 5.34
N ASN B 109 18.36 2.11 6.13
CA ASN B 109 19.58 2.70 6.71
C ASN B 109 20.61 3.07 5.64
N ASN B 110 20.15 3.89 4.69
CA ASN B 110 20.97 4.42 3.59
C ASN B 110 21.50 3.39 2.57
N SER B 111 20.96 2.17 2.60
CA SER B 111 21.40 1.10 1.70
C SER B 111 20.28 0.07 1.50
N THR B 112 20.62 -1.11 0.95
CA THR B 112 19.66 -2.21 0.82
C THR B 112 20.20 -3.41 1.58
N PHE B 113 19.43 -4.50 1.62
CA PHE B 113 19.82 -5.74 2.31
C PHE B 113 20.63 -6.69 1.42
N ALA B 114 20.98 -6.27 0.20
CA ALA B 114 21.77 -7.11 -0.72
C ALA B 114 23.12 -7.48 -0.11
N PRO C 1 -11.42 -9.57 -7.02
CA PRO C 1 -10.14 -8.94 -6.68
C PRO C 1 -10.22 -7.90 -5.55
N MET C 2 -9.07 -7.37 -5.16
CA MET C 2 -8.99 -6.31 -4.16
C MET C 2 -8.62 -4.97 -4.82
N PHE C 3 -9.51 -4.00 -4.76
CA PHE C 3 -9.28 -2.68 -5.35
C PHE C 3 -9.09 -1.60 -4.29
N ILE C 4 -7.99 -0.84 -4.39
CA ILE C 4 -7.64 0.21 -3.42
C ILE C 4 -7.42 1.55 -4.11
N VAL C 5 -8.18 2.58 -3.72
CA VAL C 5 -8.02 3.96 -4.24
C VAL C 5 -7.47 4.89 -3.16
N ASN C 6 -6.36 5.57 -3.47
CA ASN C 6 -5.83 6.65 -2.63
C ASN C 6 -5.92 7.91 -3.45
N THR C 7 -6.47 8.98 -2.88
CA THR C 7 -6.74 10.22 -3.62
C THR C 7 -6.71 11.43 -2.70
N ASN C 8 -6.48 12.59 -3.30
CA ASN C 8 -6.53 13.90 -2.59
C ASN C 8 -7.92 14.56 -2.68
N VAL C 9 -8.83 13.93 -3.42
CA VAL C 9 -10.24 14.30 -3.44
C VAL C 9 -10.79 14.15 -2.01
N PRO C 10 -11.53 15.16 -1.50
CA PRO C 10 -11.93 15.08 -0.08
C PRO C 10 -13.05 14.05 0.21
N ARG C 11 -13.20 13.75 1.50
CA ARG C 11 -14.17 12.77 1.99
C ARG C 11 -15.57 13.03 1.42
N ALA C 12 -15.97 14.31 1.44
CA ALA C 12 -17.28 14.80 1.01
C ALA C 12 -17.59 14.65 -0.48
N SER C 13 -16.56 14.78 -1.33
CA SER C 13 -16.73 14.60 -2.78
C SER C 13 -16.96 13.15 -3.22
N VAL C 14 -16.80 12.19 -2.31
CA VAL C 14 -17.01 10.76 -2.59
C VAL C 14 -18.52 10.44 -2.44
N PRO C 15 -19.23 10.10 -3.54
CA PRO C 15 -20.68 9.87 -3.37
C PRO C 15 -21.02 8.67 -2.49
N ASP C 16 -22.21 8.71 -1.87
CA ASP C 16 -22.72 7.60 -1.08
C ASP C 16 -22.96 6.43 -2.01
N GLY C 17 -22.63 5.23 -1.56
CA GLY C 17 -22.77 4.04 -2.39
C GLY C 17 -21.71 3.84 -3.47
N PHE C 18 -20.60 4.56 -3.40
CA PHE C 18 -19.50 4.41 -4.37
C PHE C 18 -18.78 3.07 -4.24
N LEU C 19 -18.66 2.57 -3.01
CA LEU C 19 -18.05 1.25 -2.77
C LEU C 19 -18.87 0.09 -3.33
N SER C 20 -20.19 0.27 -3.43
CA SER C 20 -21.07 -0.79 -3.96
C SER C 20 -21.03 -0.77 -5.48
N GLU C 21 -20.96 0.43 -6.05
CA GLU C 21 -20.80 0.61 -7.49
C GLU C 21 -19.48 -0.02 -7.94
N LEU C 22 -18.40 0.31 -7.25
CA LEU C 22 -17.09 -0.31 -7.55
C LEU C 22 -17.15 -1.84 -7.42
N THR C 23 -17.84 -2.33 -6.39
CA THR C 23 -18.05 -3.77 -6.24
C THR C 23 -18.92 -4.33 -7.38
N GLN C 24 -20.04 -3.68 -7.69
CA GLN C 24 -20.93 -4.07 -8.81
C GLN C 24 -20.11 -4.19 -10.08
N GLN C 25 -19.44 -3.09 -10.44
CA GLN C 25 -18.75 -2.96 -11.72
C GLN C 25 -17.57 -3.92 -11.80
N LEU C 26 -16.81 -4.05 -10.72
CA LEU C 26 -15.71 -5.03 -10.72
C LEU C 26 -16.19 -6.47 -10.93
N ALA C 27 -17.35 -6.83 -10.35
CA ALA C 27 -17.92 -8.18 -10.50
C ALA C 27 -18.33 -8.49 -11.94
N GLN C 28 -19.02 -7.55 -12.56
CA GLN C 28 -19.50 -7.71 -13.94
C GLN C 28 -18.39 -7.63 -14.99
N ALA C 29 -17.34 -6.85 -14.72
CA ALA C 29 -16.17 -6.78 -15.62
C ALA C 29 -15.32 -8.04 -15.56
N THR C 30 -14.99 -8.47 -14.34
CA THR C 30 -14.08 -9.59 -14.12
C THR C 30 -14.77 -10.97 -14.13
N GLY C 31 -16.09 -11.00 -13.93
CA GLY C 31 -16.82 -12.25 -13.70
C GLY C 31 -16.65 -12.89 -12.33
N LYS C 32 -15.91 -12.25 -11.42
CA LYS C 32 -15.53 -12.88 -10.16
C LYS C 32 -16.70 -12.78 -9.19
N PRO C 33 -16.78 -13.72 -8.21
CA PRO C 33 -17.91 -13.64 -7.29
C PRO C 33 -17.81 -12.38 -6.42
N PRO C 34 -18.89 -11.58 -6.36
CA PRO C 34 -18.87 -10.33 -5.60
C PRO C 34 -18.52 -10.50 -4.12
N GLN C 35 -18.87 -11.64 -3.53
CA GLN C 35 -18.62 -11.95 -2.11
C GLN C 35 -17.16 -11.82 -1.69
N TYR C 36 -16.24 -12.08 -2.61
CA TYR C 36 -14.80 -11.95 -2.36
C TYR C 36 -14.20 -10.62 -2.92
N ILE C 37 -15.03 -9.71 -3.44
CA ILE C 37 -14.54 -8.44 -3.98
C ILE C 37 -14.31 -7.49 -2.81
N ALA C 38 -13.08 -7.00 -2.63
CA ALA C 38 -12.78 -6.04 -1.55
C ALA C 38 -12.44 -4.68 -2.13
N VAL C 39 -13.11 -3.62 -1.66
N VAL C 39 -13.08 -3.62 -1.63
CA VAL C 39 -12.83 -2.25 -2.11
CA VAL C 39 -12.86 -2.25 -2.09
C VAL C 39 -12.47 -1.33 -0.93
C VAL C 39 -12.46 -1.34 -0.93
N HIS C 40 -11.56 -0.40 -1.19
CA HIS C 40 -10.98 0.47 -0.14
C HIS C 40 -10.73 1.83 -0.80
N VAL C 41 -11.33 2.88 -0.27
CA VAL C 41 -11.12 4.25 -0.78
C VAL C 41 -10.61 5.12 0.34
N VAL C 42 -9.55 5.88 0.05
CA VAL C 42 -8.84 6.70 1.05
C VAL C 42 -8.83 8.16 0.56
N PRO C 43 -9.77 9.00 1.05
CA PRO C 43 -9.80 10.40 0.62
C PRO C 43 -8.83 11.30 1.39
N ASP C 44 -8.81 12.59 1.04
CA ASP C 44 -8.07 13.63 1.75
C ASP C 44 -6.57 13.37 1.88
N GLN C 45 -5.96 12.73 0.89
CA GLN C 45 -4.54 12.39 0.98
C GLN C 45 -3.63 13.52 0.49
N LEU C 46 -2.45 13.60 1.10
N LEU C 46 -2.46 13.64 1.11
CA LEU C 46 -1.40 14.51 0.68
CA LEU C 46 -1.43 14.58 0.66
C LEU C 46 -0.63 13.85 -0.44
C LEU C 46 -0.64 13.89 -0.44
N MET C 47 -0.93 14.23 -1.69
CA MET C 47 -0.23 13.67 -2.84
C MET C 47 -0.12 14.64 -3.98
N ALA C 48 0.81 14.34 -4.88
CA ALA C 48 1.05 15.10 -6.09
C ALA C 48 1.27 14.16 -7.25
N PHE C 49 0.82 14.56 -8.43
CA PHE C 49 1.02 13.81 -9.68
C PHE C 49 1.61 14.81 -10.69
N GLY C 50 2.76 14.48 -11.27
CA GLY C 50 3.47 15.41 -12.16
C GLY C 50 3.81 16.75 -11.51
N GLY C 51 4.32 16.72 -10.28
CA GLY C 51 4.61 17.94 -9.52
C GLY C 51 3.42 18.73 -8.98
N SER C 52 2.21 18.48 -9.51
CA SER C 52 1.02 19.28 -9.26
C SER C 52 0.00 18.53 -8.37
N SER C 53 -0.76 19.27 -7.57
CA SER C 53 -1.71 18.69 -6.59
C SER C 53 -3.20 18.88 -6.97
N GLU C 54 -3.47 18.90 -8.28
CA GLU C 54 -4.83 18.74 -8.81
C GLU C 54 -5.35 17.33 -8.45
N PRO C 55 -6.69 17.14 -8.39
CA PRO C 55 -7.24 15.82 -8.05
C PRO C 55 -6.57 14.68 -8.84
N CYS C 56 -6.10 13.66 -8.11
CA CYS C 56 -5.45 12.49 -8.71
C CYS C 56 -5.72 11.23 -7.88
N ALA C 57 -5.32 10.09 -8.43
CA ALA C 57 -5.51 8.80 -7.78
C ALA C 57 -4.38 7.84 -8.08
N LEU C 58 -3.95 7.14 -7.03
CA LEU C 58 -3.01 6.04 -7.11
C LEU C 58 -3.74 4.83 -6.60
N CYS C 59 -3.94 3.84 -7.47
CA CYS C 59 -4.78 2.70 -7.19
C CYS C 59 -4.06 1.39 -7.37
N SER C 60 -4.68 0.32 -6.91
N SER C 60 -4.69 0.31 -6.93
CA SER C 60 -4.14 -1.02 -7.09
CA SER C 60 -4.16 -1.03 -7.02
C SER C 60 -5.31 -1.99 -7.24
C SER C 60 -5.32 -1.98 -7.24
N LEU C 61 -5.11 -3.03 -8.04
CA LEU C 61 -6.10 -4.08 -8.25
C LEU C 61 -5.36 -5.41 -8.19
N HIS C 62 -5.56 -6.17 -7.11
CA HIS C 62 -4.90 -7.49 -6.93
C HIS C 62 -5.89 -8.61 -7.27
N SER C 63 -5.47 -9.55 -8.12
CA SER C 63 -6.24 -10.76 -8.42
C SER C 63 -5.39 -12.00 -8.14
N ILE C 64 -6.06 -13.13 -7.93
CA ILE C 64 -5.38 -14.41 -7.84
C ILE C 64 -5.34 -15.03 -9.25
N GLY C 65 -4.13 -15.20 -9.79
CA GLY C 65 -3.93 -15.69 -11.17
C GLY C 65 -4.21 -14.66 -12.28
N LYS C 66 -4.10 -15.14 -13.52
CA LYS C 66 -4.70 -14.52 -14.74
C LYS C 66 -4.74 -12.99 -14.84
N ILE C 67 -3.63 -12.42 -15.31
CA ILE C 67 -3.52 -11.00 -15.65
C ILE C 67 -2.94 -10.88 -17.06
N GLY C 68 -3.48 -9.95 -17.85
CA GLY C 68 -3.03 -9.71 -19.23
C GLY C 68 -3.41 -8.30 -19.67
N GLY C 69 -2.80 -7.84 -20.75
CA GLY C 69 -2.95 -6.46 -21.22
C GLY C 69 -4.34 -6.08 -21.73
N ALA C 70 -5.02 -7.01 -22.38
CA ALA C 70 -6.38 -6.78 -22.88
C ALA C 70 -7.32 -6.47 -21.72
N GLN C 71 -7.27 -7.32 -20.69
CA GLN C 71 -8.13 -7.16 -19.50
C GLN C 71 -7.78 -5.87 -18.75
N ASN C 72 -6.48 -5.63 -18.58
CA ASN C 72 -5.99 -4.48 -17.85
C ASN C 72 -6.34 -3.18 -18.53
N ARG C 73 -6.33 -3.15 -19.87
CA ARG C 73 -6.80 -1.96 -20.62
C ARG C 73 -8.31 -1.72 -20.43
N SER C 74 -9.09 -2.80 -20.38
CA SER C 74 -10.53 -2.73 -20.12
CA SER C 74 -10.52 -2.69 -20.14
C SER C 74 -10.79 -2.23 -18.70
N TYR C 75 -10.07 -2.80 -17.73
CA TYR C 75 -10.22 -2.40 -16.33
C TYR C 75 -9.80 -0.95 -16.14
N SER C 76 -8.70 -0.57 -16.79
CA SER C 76 -8.23 0.81 -16.74
C SER C 76 -9.28 1.79 -17.23
N LYS C 77 -9.93 1.51 -18.36
CA LYS C 77 -10.95 2.40 -18.91
C LYS C 77 -12.20 2.46 -18.01
N LEU C 78 -12.64 1.28 -17.59
CA LEU C 78 -13.74 1.14 -16.63
C LEU C 78 -13.48 1.95 -15.37
N LEU C 79 -12.34 1.69 -14.75
CA LEU C 79 -12.00 2.29 -13.45
C LEU C 79 -11.68 3.77 -13.58
N CYS C 80 -10.96 4.15 -14.64
CA CYS C 80 -10.73 5.57 -14.93
C CYS C 80 -12.05 6.29 -15.20
N GLY C 81 -12.95 5.62 -15.90
CA GLY C 81 -14.29 6.16 -16.18
C GLY C 81 -15.10 6.46 -14.93
N LEU C 82 -15.00 5.58 -13.95
CA LEU C 82 -15.71 5.75 -12.66
C LEU C 82 -15.12 6.89 -11.83
N LEU C 83 -13.80 7.03 -11.87
CA LEU C 83 -13.13 8.08 -11.10
C LEU C 83 -13.36 9.48 -11.70
N ALA C 84 -13.43 9.57 -13.03
CA ALA C 84 -13.81 10.82 -13.70
C ALA C 84 -15.22 11.24 -13.35
N GLU C 85 -16.16 10.32 -13.58
CA GLU C 85 -17.59 10.56 -13.42
C GLU C 85 -18.02 10.85 -11.97
N ARG C 86 -17.46 10.11 -11.00
CA ARG C 86 -17.86 10.20 -9.57
C ARG C 86 -16.94 11.03 -8.67
N LEU C 87 -15.64 10.95 -8.89
CA LEU C 87 -14.66 11.68 -8.05
C LEU C 87 -14.10 12.94 -8.71
N ARG C 88 -14.54 13.26 -9.93
CA ARG C 88 -14.06 14.44 -10.66
C ARG C 88 -12.54 14.38 -10.92
N ILE C 89 -12.02 13.16 -11.09
CA ILE C 89 -10.58 12.96 -11.30
C ILE C 89 -10.33 12.68 -12.78
N SER C 90 -9.53 13.56 -13.38
CA SER C 90 -9.11 13.41 -14.77
C SER C 90 -8.32 12.11 -14.97
N PRO C 91 -8.65 11.30 -16.00
CA PRO C 91 -7.96 10.02 -16.22
C PRO C 91 -6.46 10.07 -16.46
N ASP C 92 -5.94 11.19 -16.97
CA ASP C 92 -4.49 11.38 -17.13
C ASP C 92 -3.76 11.65 -15.80
N ARG C 93 -4.49 11.66 -14.68
CA ARG C 93 -3.89 11.74 -13.34
C ARG C 93 -4.32 10.54 -12.45
N VAL C 94 -4.37 9.35 -13.06
CA VAL C 94 -4.76 8.12 -12.37
C VAL C 94 -3.77 7.01 -12.69
N TYR C 95 -3.09 6.48 -11.67
CA TYR C 95 -2.35 5.22 -11.82
C TYR C 95 -3.12 4.05 -11.22
N ILE C 96 -3.09 2.91 -11.90
CA ILE C 96 -3.65 1.66 -11.37
C ILE C 96 -2.60 0.57 -11.52
N ASN C 97 -2.09 0.05 -10.41
CA ASN C 97 -1.13 -1.04 -10.46
C ASN C 97 -1.86 -2.37 -10.40
N TYR C 98 -1.58 -3.26 -11.35
CA TYR C 98 -2.15 -4.62 -11.37
C TYR C 98 -1.13 -5.63 -10.91
N TYR C 99 -1.62 -6.63 -10.20
CA TYR C 99 -0.80 -7.64 -9.54
C TYR C 99 -1.49 -8.98 -9.70
N ASP C 100 -0.69 -9.98 -10.06
CA ASP C 100 -1.11 -11.37 -10.14
C ASP C 100 -0.56 -11.98 -8.86
N MET C 101 -1.44 -12.19 -7.87
CA MET C 101 -1.09 -12.88 -6.64
C MET C 101 -1.23 -14.40 -6.84
N ASN C 102 -0.23 -15.15 -6.36
CA ASN C 102 -0.39 -16.60 -6.21
C ASN C 102 -1.38 -16.88 -5.09
N ALA C 103 -2.22 -17.90 -5.29
CA ALA C 103 -3.20 -18.34 -4.29
C ALA C 103 -2.62 -18.50 -2.88
N ALA C 104 -1.46 -19.15 -2.80
CA ALA C 104 -0.80 -19.42 -1.50
C ALA C 104 -0.31 -18.17 -0.75
N ASN C 105 -0.19 -17.04 -1.45
CA ASN C 105 0.21 -15.76 -0.86
C ASN C 105 -0.94 -14.80 -0.61
N VAL C 106 -2.17 -15.31 -0.61
CA VAL C 106 -3.31 -14.53 -0.15
C VAL C 106 -3.91 -15.27 1.02
N GLY C 107 -3.70 -14.72 2.22
CA GLY C 107 -4.36 -15.20 3.42
C GLY C 107 -5.81 -14.82 3.46
N TRP C 108 -6.66 -15.73 3.94
CA TRP C 108 -8.08 -15.47 4.13
C TRP C 108 -8.65 -16.48 5.09
N ASN C 109 -9.51 -16.03 6.01
CA ASN C 109 -10.30 -16.93 6.88
C ASN C 109 -9.45 -18.05 7.51
N ASN C 110 -8.40 -17.63 8.21
CA ASN C 110 -7.48 -18.54 8.97
C ASN C 110 -6.54 -19.46 8.17
N SER C 111 -6.64 -19.42 6.83
CA SER C 111 -5.77 -20.20 5.95
C SER C 111 -5.41 -19.33 4.74
N THR C 112 -5.05 -19.97 3.62
CA THR C 112 -4.83 -19.29 2.34
C THR C 112 -5.58 -20.02 1.26
N PHE C 113 -5.68 -19.39 0.10
CA PHE C 113 -6.28 -20.03 -1.07
C PHE C 113 -5.36 -21.15 -1.64
N ALA C 114 -5.98 -22.16 -2.28
CA ALA C 114 -5.35 -23.23 -3.12
C ALA C 114 -3.91 -23.74 -2.89
#